data_9HC3
#
_entry.id   9HC3
#
_cell.length_a   143.221
_cell.length_b   43.363
_cell.length_c   82.642
_cell.angle_alpha   90.000
_cell.angle_beta   99.860
_cell.angle_gamma   90.000
#
_symmetry.space_group_name_H-M   'C 1 2 1'
#
loop_
_entity.id
_entity.type
_entity.pdbx_description
1 polymer 'Metabotropic glutamate receptor 5,Endolysin'
2 non-polymer 'OLEIC ACID'
3 water water
#
_entity_poly.entity_id   1
_entity_poly.type   'polypeptide(L)'
_entity_poly.pdbx_seq_one_letter_code
;AASPVQYLRWGDPAPIAAVVFACLGLLATLFVTVVFIIYRDTPVVKSSSRELCYIILAGICLGYLCTF(YCM)LIAKPKQ
IYCYLQRIGIGLSPAMSYSALVTKTYRAARILAMSKKNIFEMLRIDEGLRLKIYKDTEGYYTIGIGHLLTKSPSLNAAKS
ELDKAIGRNTNGVITKDEAEKLFNQDVDAAVRGILRNAKLKPVYDSLDAVRRAALINMVFQMGETGVAGFTNSLRMLQQK
RWDEAAVNLAKSRWYNQTPNRAKRVITTFRTGTWDAYKICTKKPRFMSA(YCM)AQLVIAFILICIQLGIIVALFIMEPP
DIMHDYPSIREVYLICNTTNLGVVAPLGYNGLLILACTFYAFKTRNVPANFNEAKYIAFTMYTTCIIWLAFVPIYFGSNY
KIITMCFSVSLSATVALGCMFVPKVYIILAKPERNVRSAAAAHHHHHHHHHH
;
_entity_poly.pdbx_strand_id   A
#
# COMPACT_ATOMS: atom_id res chain seq x y z
N ALA A 2 17.98 28.84 -27.14
CA ALA A 2 19.36 28.67 -27.56
C ALA A 2 20.14 27.83 -26.54
N SER A 3 20.36 28.40 -25.36
CA SER A 3 21.11 27.75 -24.30
C SER A 3 20.54 28.20 -22.96
N PRO A 4 20.40 27.29 -21.99
CA PRO A 4 19.93 27.70 -20.66
C PRO A 4 20.87 28.67 -19.98
N VAL A 5 22.17 28.53 -20.19
CA VAL A 5 23.13 29.49 -19.65
C VAL A 5 22.89 30.87 -20.24
N GLN A 6 22.53 30.93 -21.54
CA GLN A 6 22.23 32.22 -22.15
C GLN A 6 20.97 32.84 -21.56
N TYR A 7 19.98 32.02 -21.24
CA TYR A 7 18.78 32.54 -20.59
C TYR A 7 19.05 32.98 -19.16
N LEU A 8 20.00 32.32 -18.48
CA LEU A 8 20.41 32.79 -17.16
C LEU A 8 21.14 34.12 -17.24
N ARG A 9 21.98 34.29 -18.27
CA ARG A 9 22.67 35.57 -18.45
C ARG A 9 21.71 36.67 -18.88
N TRP A 10 20.63 36.31 -19.59
CA TRP A 10 19.68 37.30 -20.07
C TRP A 10 18.71 37.77 -18.98
N GLY A 11 18.48 36.95 -17.95
CA GLY A 11 17.65 37.38 -16.84
C GLY A 11 16.58 36.39 -16.42
N ASP A 12 16.52 35.24 -17.08
CA ASP A 12 15.52 34.23 -16.75
C ASP A 12 16.21 33.09 -16.00
N PRO A 13 16.04 32.99 -14.68
CA PRO A 13 16.69 31.91 -13.91
C PRO A 13 15.81 30.67 -13.79
N ALA A 14 15.44 30.10 -14.94
CA ALA A 14 14.51 28.98 -14.94
C ALA A 14 15.01 27.79 -15.78
N PRO A 15 15.44 27.98 -17.04
CA PRO A 15 15.85 26.80 -17.83
C PRO A 15 17.07 26.08 -17.25
N ILE A 16 18.11 26.84 -16.88
CA ILE A 16 19.30 26.21 -16.30
C ILE A 16 18.96 25.57 -14.96
N ALA A 17 18.00 26.13 -14.23
CA ALA A 17 17.58 25.54 -12.97
C ALA A 17 16.90 24.19 -13.21
N ALA A 18 16.04 24.10 -14.22
CA ALA A 18 15.42 22.82 -14.55
C ALA A 18 16.44 21.81 -15.04
N VAL A 19 17.45 22.27 -15.77
CA VAL A 19 18.52 21.38 -16.22
C VAL A 19 19.28 20.82 -15.01
N VAL A 20 19.62 21.68 -14.05
CA VAL A 20 20.33 21.21 -12.85
C VAL A 20 19.45 20.24 -12.07
N PHE A 21 18.16 20.54 -11.95
CA PHE A 21 17.24 19.63 -11.27
C PHE A 21 17.22 18.27 -11.94
N ALA A 22 17.12 18.25 -13.27
CA ALA A 22 17.08 16.98 -14.00
C ALA A 22 18.39 16.21 -13.87
N CYS A 23 19.52 16.92 -13.90
CA CYS A 23 20.81 16.25 -13.77
C CYS A 23 20.97 15.64 -12.39
N LEU A 24 20.60 16.38 -11.34
CA LEU A 24 20.67 15.82 -9.99
C LEU A 24 19.74 14.63 -9.84
N GLY A 25 18.54 14.71 -10.43
CA GLY A 25 17.62 13.59 -10.38
C GLY A 25 18.16 12.35 -11.09
N LEU A 26 18.79 12.56 -12.25
CA LEU A 26 19.39 11.43 -12.97
C LEU A 26 20.52 10.81 -12.17
N LEU A 27 21.38 11.64 -11.57
CA LEU A 27 22.48 11.10 -10.76
C LEU A 27 21.94 10.33 -9.57
N ALA A 28 20.91 10.86 -8.91
CA ALA A 28 20.32 10.17 -7.77
C ALA A 28 19.67 8.86 -8.18
N THR A 29 19.00 8.84 -9.34
CA THR A 29 18.39 7.61 -9.81
C THR A 29 19.43 6.56 -10.14
N LEU A 30 20.53 6.97 -10.79
CA LEU A 30 21.61 6.03 -11.08
C LEU A 30 22.25 5.51 -9.80
N PHE A 31 22.44 6.39 -8.81
CA PHE A 31 22.98 5.97 -7.53
C PHE A 31 22.10 4.91 -6.87
N VAL A 32 20.80 5.19 -6.79
CA VAL A 32 19.88 4.25 -6.14
C VAL A 32 19.82 2.94 -6.90
N THR A 33 19.85 3.00 -8.24
CA THR A 33 19.78 1.77 -9.03
C THR A 33 21.03 0.92 -8.87
N VAL A 34 22.21 1.56 -8.87
CA VAL A 34 23.44 0.81 -8.68
C VAL A 34 23.49 0.22 -7.28
N VAL A 35 22.98 0.95 -6.29
CA VAL A 35 22.93 0.41 -4.93
C VAL A 35 22.01 -0.81 -4.86
N PHE A 36 20.83 -0.72 -5.49
CA PHE A 36 19.89 -1.84 -5.43
C PHE A 36 20.34 -3.02 -6.27
N ILE A 37 21.18 -2.80 -7.28
CA ILE A 37 21.71 -3.92 -8.06
C ILE A 37 22.87 -4.58 -7.33
N ILE A 38 23.80 -3.78 -6.81
CA ILE A 38 24.92 -4.32 -6.05
C ILE A 38 24.43 -5.06 -4.82
N TYR A 39 23.36 -4.56 -4.20
CA TYR A 39 22.79 -5.21 -3.02
C TYR A 39 21.44 -5.84 -3.35
N ARG A 40 21.40 -6.66 -4.41
CA ARG A 40 20.15 -7.30 -4.79
C ARG A 40 19.79 -8.43 -3.85
N ASP A 41 20.79 -9.11 -3.28
CA ASP A 41 20.56 -10.26 -2.41
C ASP A 41 20.33 -9.88 -0.95
N THR A 42 20.47 -8.60 -0.60
CA THR A 42 20.18 -8.18 0.75
C THR A 42 18.68 -8.34 1.03
N PRO A 43 18.31 -8.72 2.25
CA PRO A 43 16.88 -8.99 2.53
C PRO A 43 15.97 -7.80 2.29
N VAL A 44 16.47 -6.57 2.40
CA VAL A 44 15.60 -5.41 2.22
C VAL A 44 15.23 -5.22 0.75
N VAL A 45 16.11 -5.65 -0.16
CA VAL A 45 15.84 -5.51 -1.60
C VAL A 45 15.11 -6.72 -2.14
N LYS A 46 15.58 -7.93 -1.79
CA LYS A 46 15.01 -9.16 -2.33
C LYS A 46 13.62 -9.48 -1.76
N SER A 47 13.12 -8.70 -0.81
CA SER A 47 11.81 -8.96 -0.24
C SER A 47 10.68 -8.34 -1.04
N SER A 48 10.96 -7.26 -1.78
CA SER A 48 9.98 -6.62 -2.63
C SER A 48 10.19 -7.03 -4.08
N SER A 49 9.33 -6.54 -4.96
CA SER A 49 9.42 -6.83 -6.40
C SER A 49 10.54 -5.96 -6.98
N ARG A 50 11.73 -6.55 -7.10
CA ARG A 50 12.87 -5.78 -7.61
C ARG A 50 12.68 -5.41 -9.07
N GLU A 51 11.96 -6.23 -9.83
CA GLU A 51 11.69 -5.90 -11.24
C GLU A 51 10.73 -4.72 -11.33
N LEU A 52 9.66 -4.72 -10.52
CA LEU A 52 8.79 -3.56 -10.47
C LEU A 52 9.54 -2.34 -9.93
N CYS A 53 10.49 -2.55 -9.02
CA CYS A 53 11.33 -1.44 -8.57
C CYS A 53 12.15 -0.86 -9.71
N TYR A 54 12.67 -1.72 -10.58
CA TYR A 54 13.41 -1.23 -11.73
C TYR A 54 12.49 -0.50 -12.71
N ILE A 55 11.24 -0.98 -12.84
CA ILE A 55 10.27 -0.25 -13.66
C ILE A 55 10.02 1.14 -13.10
N ILE A 56 9.85 1.24 -11.78
CA ILE A 56 9.61 2.54 -11.15
C ILE A 56 10.84 3.45 -11.30
N LEU A 57 12.04 2.88 -11.18
CA LEU A 57 13.25 3.67 -11.36
C LEU A 57 13.36 4.18 -12.79
N ALA A 58 12.98 3.34 -13.76
CA ALA A 58 12.97 3.78 -15.16
C ALA A 58 11.96 4.89 -15.37
N GLY A 59 10.80 4.79 -14.70
CA GLY A 59 9.83 5.87 -14.77
C GLY A 59 10.36 7.18 -14.22
N ILE A 60 11.05 7.12 -13.08
CA ILE A 60 11.65 8.32 -12.49
C ILE A 60 12.71 8.89 -13.43
N CYS A 61 13.54 8.02 -14.00
CA CYS A 61 14.59 8.47 -14.91
C CYS A 61 13.99 9.12 -16.16
N LEU A 62 12.89 8.58 -16.67
CA LEU A 62 12.24 9.18 -17.83
C LEU A 62 11.61 10.52 -17.46
N GLY A 63 11.01 10.61 -16.28
CA GLY A 63 10.47 11.88 -15.82
C GLY A 63 11.54 12.95 -15.69
N TYR A 64 12.76 12.56 -15.32
CA TYR A 64 13.84 13.55 -15.29
C TYR A 64 14.36 13.86 -16.69
N LEU A 65 14.39 12.86 -17.57
CA LEU A 65 14.86 13.09 -18.94
C LEU A 65 13.89 13.93 -19.76
N CYS A 66 12.63 14.00 -19.33
CA CYS A 66 11.65 14.83 -20.05
C CYS A 66 12.09 16.28 -20.14
N THR A 67 12.85 16.76 -19.16
CA THR A 67 13.31 18.15 -19.17
C THR A 67 14.22 18.42 -20.36
N PHE A 68 14.95 17.40 -20.82
CA PHE A 68 15.85 17.55 -21.95
C PHE A 68 15.09 17.42 -23.26
N LEU A 70 11.78 18.83 -23.34
CA LEU A 70 10.98 20.05 -23.27
C LEU A 70 11.86 21.27 -23.48
N ILE A 71 13.14 21.13 -23.14
CA ILE A 71 14.14 22.18 -23.33
C ILE A 71 15.21 21.67 -24.27
N ALA A 72 14.89 21.59 -25.56
CA ALA A 72 15.78 20.99 -26.54
C ALA A 72 15.80 21.86 -27.80
N LYS A 73 16.40 21.33 -28.86
CA LYS A 73 16.55 21.98 -30.15
C LYS A 73 15.32 21.78 -31.01
N PRO A 74 15.07 22.67 -31.98
CA PRO A 74 13.89 22.54 -32.84
C PRO A 74 13.92 21.28 -33.70
N LYS A 75 13.36 20.19 -33.19
CA LYS A 75 13.31 18.92 -33.93
C LYS A 75 11.95 18.28 -33.69
N GLN A 76 11.56 17.39 -34.62
CA GLN A 76 10.25 16.77 -34.56
C GLN A 76 10.23 15.58 -33.60
N ILE A 77 11.25 14.73 -33.66
CA ILE A 77 11.32 13.58 -32.74
C ILE A 77 11.29 14.04 -31.30
N TYR A 78 11.75 15.26 -31.02
CA TYR A 78 11.69 15.75 -29.65
C TYR A 78 10.29 16.17 -29.26
N CYS A 79 9.52 16.75 -30.19
CA CYS A 79 8.10 16.99 -29.91
C CYS A 79 7.35 15.68 -29.68
N TYR A 80 7.79 14.60 -30.33
CA TYR A 80 7.17 13.29 -30.07
C TYR A 80 7.56 12.76 -28.69
N LEU A 81 8.87 12.78 -28.39
CA LEU A 81 9.36 12.23 -27.14
C LEU A 81 8.89 13.03 -25.94
N GLN A 82 8.58 14.31 -26.11
CA GLN A 82 7.95 15.07 -25.03
C GLN A 82 6.68 14.39 -24.55
N ARG A 83 5.73 14.18 -25.48
CA ARG A 83 4.48 13.52 -25.14
C ARG A 83 4.74 12.11 -24.62
N ILE A 84 5.62 11.35 -25.29
CA ILE A 84 5.89 9.98 -24.87
C ILE A 84 6.35 9.94 -23.41
N GLY A 85 7.34 10.79 -23.07
CA GLY A 85 7.88 10.76 -21.72
C GLY A 85 6.89 11.27 -20.69
N ILE A 86 6.32 12.46 -20.92
CA ILE A 86 5.40 13.03 -19.94
C ILE A 86 4.14 12.21 -19.79
N GLY A 87 3.87 11.27 -20.71
CA GLY A 87 2.76 10.38 -20.52
C GLY A 87 3.15 9.06 -19.87
N LEU A 88 4.37 8.57 -20.13
CA LEU A 88 4.74 7.23 -19.71
C LEU A 88 5.50 7.18 -18.39
N SER A 89 6.20 8.25 -18.00
CA SER A 89 6.93 8.23 -16.73
C SER A 89 6.00 8.00 -15.54
N PRO A 90 4.97 8.82 -15.29
CA PRO A 90 4.05 8.49 -14.20
C PRO A 90 3.31 7.19 -14.44
N ALA A 91 3.00 6.85 -15.70
CA ALA A 91 2.37 5.57 -15.99
C ALA A 91 3.29 4.42 -15.60
N MET A 92 4.56 4.48 -16.01
CA MET A 92 5.50 3.40 -15.70
C MET A 92 5.70 3.26 -14.19
N SER A 93 5.70 4.38 -13.47
CA SER A 93 5.85 4.28 -12.02
C SER A 93 4.60 3.70 -11.37
N TYR A 94 3.44 4.28 -11.65
CA TYR A 94 2.23 3.98 -10.91
C TYR A 94 1.59 2.66 -11.33
N SER A 95 1.88 2.14 -12.53
CA SER A 95 1.39 0.81 -12.88
C SER A 95 2.06 -0.25 -12.01
N ALA A 96 3.38 -0.22 -11.93
CA ALA A 96 4.09 -1.11 -11.02
C ALA A 96 3.66 -0.88 -9.58
N LEU A 97 3.46 0.38 -9.20
CA LEU A 97 3.07 0.67 -7.81
C LEU A 97 1.69 0.10 -7.50
N VAL A 98 0.74 0.20 -8.44
CA VAL A 98 -0.60 -0.31 -8.18
C VAL A 98 -0.60 -1.84 -8.20
N THR A 99 0.25 -2.45 -9.04
CA THR A 99 0.39 -3.91 -8.97
C THR A 99 0.89 -4.34 -7.60
N LYS A 100 1.92 -3.65 -7.09
CA LYS A 100 2.47 -3.98 -5.78
C LYS A 100 1.43 -3.80 -4.68
N THR A 101 0.71 -2.67 -4.70
CA THR A 101 -0.27 -2.40 -3.65
C THR A 101 -1.44 -3.37 -3.73
N TYR A 102 -1.85 -3.77 -4.93
CA TYR A 102 -2.92 -4.74 -5.08
C TYR A 102 -2.50 -6.10 -4.53
N ARG A 103 -1.26 -6.52 -4.81
CA ARG A 103 -0.78 -7.77 -4.25
C ARG A 103 -0.71 -7.70 -2.73
N ALA A 104 -0.32 -6.55 -2.19
CA ALA A 104 -0.27 -6.40 -0.74
C ALA A 104 -1.66 -6.49 -0.13
N ALA A 105 -2.65 -5.85 -0.76
CA ALA A 105 -4.02 -5.91 -0.24
C ALA A 105 -4.56 -7.34 -0.31
N ARG A 106 -4.25 -8.07 -1.38
CA ARG A 106 -4.68 -9.46 -1.47
C ARG A 106 -4.03 -10.30 -0.39
N ILE A 107 -2.75 -10.04 -0.10
CA ILE A 107 -2.06 -10.74 0.98
C ILE A 107 -2.74 -10.46 2.32
N LEU A 108 -3.13 -9.21 2.54
CA LEU A 108 -3.79 -8.87 3.80
C LEU A 108 -5.14 -9.57 3.93
N ALA A 109 -5.91 -9.62 2.84
CA ALA A 109 -7.20 -10.31 2.87
C ALA A 109 -7.02 -11.80 3.15
N MET A 110 -6.08 -12.44 2.46
CA MET A 110 -5.82 -13.85 2.71
C MET A 110 -5.26 -14.11 4.10
N SER A 111 -4.63 -13.11 4.72
CA SER A 111 -4.18 -13.28 6.09
C SER A 111 -5.34 -13.21 7.07
N LYS A 112 -6.28 -12.27 6.85
CA LYS A 112 -7.44 -12.18 7.72
C LYS A 112 -8.37 -13.39 7.58
N LYS A 113 -8.35 -14.02 6.40
CA LYS A 113 -9.18 -15.20 6.19
C LYS A 113 -8.84 -16.31 7.18
N ASN A 114 -7.55 -16.43 7.55
CA ASN A 114 -7.14 -17.49 8.46
C ASN A 114 -7.70 -17.28 9.86
N ILE A 115 -7.67 -16.03 10.35
CA ILE A 115 -8.26 -15.73 11.66
C ILE A 115 -9.76 -15.98 11.62
N PHE A 116 -10.40 -15.61 10.50
CA PHE A 116 -11.83 -15.89 10.37
C PHE A 116 -12.11 -17.38 10.48
N GLU A 117 -11.32 -18.20 9.81
CA GLU A 117 -11.54 -19.65 9.88
C GLU A 117 -11.27 -20.17 11.30
N MET A 118 -10.22 -19.67 11.95
CA MET A 118 -9.91 -20.11 13.31
C MET A 118 -11.07 -19.84 14.25
N LEU A 119 -11.60 -18.61 14.24
CA LEU A 119 -12.69 -18.30 15.16
C LEU A 119 -14.04 -18.81 14.67
N ARG A 120 -14.16 -19.24 13.42
CA ARG A 120 -15.34 -19.99 13.01
C ARG A 120 -15.29 -21.40 13.58
N ILE A 121 -14.10 -22.00 13.64
CA ILE A 121 -13.98 -23.33 14.23
C ILE A 121 -14.15 -23.26 15.75
N ASP A 122 -13.60 -22.22 16.39
CA ASP A 122 -13.60 -22.12 17.84
C ASP A 122 -14.88 -21.49 18.38
N GLU A 123 -15.19 -20.26 17.95
CA GLU A 123 -16.28 -19.54 18.57
C GLU A 123 -17.63 -19.89 17.96
N GLY A 124 -17.67 -20.07 16.65
CA GLY A 124 -18.90 -20.38 15.94
C GLY A 124 -19.39 -19.20 15.12
N LEU A 125 -20.55 -19.41 14.49
CA LEU A 125 -21.10 -18.43 13.58
C LEU A 125 -22.58 -18.74 13.33
N ARG A 126 -23.39 -17.70 13.25
CA ARG A 126 -24.81 -17.84 12.92
C ARG A 126 -25.14 -16.87 11.79
N LEU A 127 -25.59 -17.40 10.66
CA LEU A 127 -25.90 -16.58 9.50
C LEU A 127 -27.21 -15.82 9.63
N LYS A 128 -27.96 -16.05 10.70
CA LYS A 128 -29.18 -15.30 10.97
C LYS A 128 -29.00 -14.43 12.20
N ILE A 129 -29.80 -13.36 12.27
CA ILE A 129 -29.70 -12.41 13.38
C ILE A 129 -30.09 -13.10 14.68
N TYR A 130 -29.33 -12.83 15.74
CA TYR A 130 -29.63 -13.36 17.06
C TYR A 130 -29.35 -12.27 18.10
N LYS A 131 -29.45 -12.64 19.37
CA LYS A 131 -29.22 -11.71 20.48
C LYS A 131 -28.17 -12.29 21.39
N ASP A 132 -27.23 -11.44 21.83
CA ASP A 132 -26.17 -11.90 22.71
C ASP A 132 -26.72 -12.14 24.11
N THR A 133 -25.86 -12.64 24.99
CA THR A 133 -26.26 -12.87 26.37
C THR A 133 -26.62 -11.57 27.08
N GLU A 134 -26.05 -10.45 26.65
CA GLU A 134 -26.44 -9.17 27.23
C GLU A 134 -27.80 -8.70 26.73
N GLY A 135 -28.29 -9.27 25.64
CA GLY A 135 -29.59 -8.92 25.09
C GLY A 135 -29.55 -7.81 24.05
N TYR A 136 -28.68 -7.95 23.05
CA TYR A 136 -28.57 -6.97 21.98
C TYR A 136 -28.41 -7.69 20.65
N TYR A 137 -28.96 -7.09 19.59
CA TYR A 137 -29.02 -7.76 18.30
C TYR A 137 -27.62 -8.02 17.75
N THR A 138 -27.39 -9.25 17.31
CA THR A 138 -26.07 -9.71 16.90
C THR A 138 -26.23 -10.70 15.75
N ILE A 139 -25.24 -10.72 14.86
CA ILE A 139 -25.23 -11.67 13.74
C ILE A 139 -23.78 -12.00 13.41
N GLY A 140 -23.56 -13.24 12.96
CA GLY A 140 -22.24 -13.69 12.58
C GLY A 140 -21.42 -14.19 13.76
N ILE A 141 -20.14 -13.86 13.77
CA ILE A 141 -19.27 -14.22 14.88
C ILE A 141 -19.27 -13.10 15.90
N GLY A 142 -20.37 -12.95 16.62
CA GLY A 142 -20.49 -11.95 17.67
C GLY A 142 -20.29 -10.52 17.21
N HIS A 143 -20.99 -10.12 16.15
CA HIS A 143 -20.90 -8.76 15.63
C HIS A 143 -22.15 -7.99 16.05
N LEU A 144 -21.95 -6.93 16.84
CA LEU A 144 -23.06 -6.16 17.36
C LEU A 144 -23.63 -5.26 16.26
N LEU A 145 -24.93 -5.40 16.02
CA LEU A 145 -25.60 -4.56 15.02
C LEU A 145 -26.01 -3.22 15.62
N THR A 146 -26.87 -3.25 16.63
CA THR A 146 -27.32 -2.03 17.30
C THR A 146 -27.55 -2.32 18.77
N LYS A 147 -27.29 -1.31 19.61
CA LYS A 147 -27.73 -1.36 21.00
C LYS A 147 -29.21 -1.07 21.14
N SER A 148 -29.87 -0.59 20.08
CA SER A 148 -31.29 -0.27 20.17
C SER A 148 -32.13 -1.55 20.14
N PRO A 149 -33.32 -1.53 20.74
CA PRO A 149 -34.11 -2.76 20.84
C PRO A 149 -35.14 -2.93 19.73
N SER A 150 -34.74 -2.70 18.48
CA SER A 150 -35.64 -2.86 17.34
C SER A 150 -35.00 -3.84 16.34
N LEU A 151 -35.72 -4.93 16.05
CA LEU A 151 -35.22 -5.87 15.05
C LEU A 151 -35.16 -5.23 13.67
N ASN A 152 -36.09 -4.32 13.37
CA ASN A 152 -36.04 -3.60 12.10
C ASN A 152 -34.84 -2.66 12.05
N ALA A 153 -34.48 -2.04 13.18
CA ALA A 153 -33.28 -1.22 13.21
C ALA A 153 -32.02 -2.07 13.03
N ALA A 154 -32.02 -3.27 13.63
CA ALA A 154 -30.90 -4.18 13.44
C ALA A 154 -30.77 -4.58 11.97
N LYS A 155 -31.89 -4.90 11.33
CA LYS A 155 -31.86 -5.23 9.91
C LYS A 155 -31.45 -4.03 9.05
N SER A 156 -31.84 -2.83 9.46
CA SER A 156 -31.44 -1.63 8.74
C SER A 156 -29.94 -1.45 8.78
N GLU A 157 -29.35 -1.54 9.98
CA GLU A 157 -27.90 -1.42 10.07
C GLU A 157 -27.18 -2.58 9.38
N LEU A 158 -27.77 -3.78 9.39
CA LEU A 158 -27.16 -4.90 8.69
C LEU A 158 -27.16 -4.68 7.18
N ASP A 159 -28.28 -4.18 6.63
CA ASP A 159 -28.33 -3.87 5.21
C ASP A 159 -27.37 -2.74 4.86
N LYS A 160 -27.23 -1.76 5.77
CA LYS A 160 -26.33 -0.64 5.52
C LYS A 160 -24.87 -1.07 5.58
N ALA A 161 -24.55 -2.08 6.40
CA ALA A 161 -23.18 -2.55 6.50
C ALA A 161 -22.83 -3.53 5.39
N ILE A 162 -23.79 -4.33 4.93
CA ILE A 162 -23.55 -5.32 3.89
C ILE A 162 -23.68 -4.70 2.50
N GLY A 163 -24.70 -3.89 2.29
CA GLY A 163 -24.98 -3.35 0.97
C GLY A 163 -25.94 -4.16 0.13
N ARG A 164 -26.89 -4.85 0.75
CA ARG A 164 -27.89 -5.62 0.03
C ARG A 164 -29.09 -5.83 0.95
N ASN A 165 -30.20 -6.25 0.36
CA ASN A 165 -31.41 -6.56 1.11
C ASN A 165 -31.20 -7.91 1.79
N THR A 166 -30.62 -7.88 2.99
CA THR A 166 -30.24 -9.12 3.65
C THR A 166 -31.44 -9.84 4.25
N ASN A 167 -32.40 -9.09 4.79
CA ASN A 167 -33.57 -9.66 5.46
C ASN A 167 -33.16 -10.55 6.63
N GLY A 168 -32.07 -10.16 7.30
CA GLY A 168 -31.60 -10.87 8.47
C GLY A 168 -30.84 -12.15 8.21
N VAL A 169 -30.31 -12.33 7.00
CA VAL A 169 -29.54 -13.50 6.64
C VAL A 169 -28.34 -13.07 5.82
N ILE A 170 -27.15 -13.53 6.20
CA ILE A 170 -25.92 -13.22 5.48
C ILE A 170 -25.29 -14.52 5.01
N THR A 171 -24.11 -14.43 4.40
CA THR A 171 -23.35 -15.59 3.94
C THR A 171 -22.03 -15.65 4.71
N LYS A 172 -21.23 -16.67 4.40
CA LYS A 172 -19.97 -16.85 5.10
C LYS A 172 -18.97 -15.76 4.74
N ASP A 173 -18.95 -15.33 3.47
CA ASP A 173 -18.05 -14.26 3.08
C ASP A 173 -18.50 -12.92 3.64
N GLU A 174 -19.82 -12.69 3.70
CA GLU A 174 -20.32 -11.48 4.35
C GLU A 174 -20.00 -11.50 5.84
N ALA A 175 -20.12 -12.66 6.48
CA ALA A 175 -19.72 -12.77 7.88
C ALA A 175 -18.23 -12.53 8.05
N GLU A 176 -17.41 -12.94 7.07
CA GLU A 176 -15.99 -12.64 7.14
C GLU A 176 -15.73 -11.14 7.03
N LYS A 177 -16.47 -10.46 6.15
CA LYS A 177 -16.35 -9.01 6.05
C LYS A 177 -16.74 -8.33 7.35
N LEU A 178 -17.80 -8.82 8.00
CA LEU A 178 -18.16 -8.29 9.32
C LEU A 178 -17.10 -8.62 10.36
N PHE A 179 -16.42 -9.77 10.23
CA PHE A 179 -15.46 -10.19 11.24
C PHE A 179 -14.15 -9.41 11.12
N ASN A 180 -13.83 -8.94 9.91
CA ASN A 180 -12.61 -8.16 9.72
C ASN A 180 -12.63 -6.88 10.55
N GLN A 181 -13.78 -6.21 10.62
CA GLN A 181 -13.88 -5.00 11.44
C GLN A 181 -13.73 -5.32 12.92
N ASP A 182 -14.29 -6.44 13.36
CA ASP A 182 -14.14 -6.84 14.77
C ASP A 182 -12.69 -7.14 15.10
N VAL A 183 -11.98 -7.82 14.20
CA VAL A 183 -10.58 -8.12 14.48
C VAL A 183 -9.74 -6.84 14.45
N ASP A 184 -10.10 -5.88 13.59
CA ASP A 184 -9.42 -4.59 13.61
C ASP A 184 -9.62 -3.88 14.95
N ALA A 185 -10.87 -3.85 15.44
CA ALA A 185 -11.15 -3.21 16.71
C ALA A 185 -10.42 -3.90 17.86
N ALA A 186 -10.36 -5.24 17.82
CA ALA A 186 -9.67 -5.98 18.87
C ALA A 186 -8.17 -5.70 18.85
N VAL A 187 -7.57 -5.64 17.66
CA VAL A 187 -6.14 -5.32 17.56
C VAL A 187 -5.87 -3.90 18.05
N ARG A 188 -6.77 -2.96 17.74
CA ARG A 188 -6.65 -1.62 18.28
C ARG A 188 -6.69 -1.64 19.81
N GLY A 189 -7.62 -2.41 20.38
CA GLY A 189 -7.68 -2.53 21.83
C GLY A 189 -6.42 -3.14 22.42
N ILE A 190 -5.77 -4.04 21.69
CA ILE A 190 -4.52 -4.63 22.16
C ILE A 190 -3.40 -3.60 22.16
N LEU A 191 -3.23 -2.90 21.04
CA LEU A 191 -2.13 -1.95 20.90
C LEU A 191 -2.25 -0.75 21.82
N ARG A 192 -3.37 -0.61 22.54
CA ARG A 192 -3.53 0.46 23.51
C ARG A 192 -3.27 0.03 24.94
N ASN A 193 -3.33 -1.27 25.22
CA ASN A 193 -3.03 -1.80 26.53
C ASN A 193 -1.55 -2.19 26.59
N ALA A 194 -0.86 -1.76 27.64
CA ALA A 194 0.57 -2.00 27.76
C ALA A 194 0.89 -3.41 28.25
N LYS A 195 -0.12 -4.18 28.68
CA LYS A 195 0.10 -5.54 29.14
C LYS A 195 -0.06 -6.58 28.04
N LEU A 196 -0.41 -6.15 26.83
CA LEU A 196 -0.62 -7.08 25.72
C LEU A 196 0.14 -6.64 24.48
N LYS A 197 0.36 -5.33 24.33
CA LYS A 197 1.04 -4.83 23.15
C LYS A 197 2.48 -5.34 23.00
N PRO A 198 3.31 -5.40 24.04
CA PRO A 198 4.69 -5.91 23.82
C PRO A 198 4.73 -7.33 23.30
N VAL A 199 3.85 -8.20 23.79
CA VAL A 199 3.80 -9.56 23.28
C VAL A 199 3.25 -9.58 21.86
N TYR A 200 2.21 -8.79 21.60
CA TYR A 200 1.59 -8.79 20.28
C TYR A 200 2.57 -8.32 19.21
N ASP A 201 3.42 -7.35 19.53
CA ASP A 201 4.35 -6.84 18.54
C ASP A 201 5.55 -7.76 18.33
N SER A 202 5.86 -8.61 19.31
CA SER A 202 7.01 -9.51 19.24
C SER A 202 6.60 -10.94 18.88
N LEU A 203 5.60 -11.11 18.02
CA LEU A 203 5.11 -12.41 17.62
C LEU A 203 4.98 -12.47 16.10
N ASP A 204 4.75 -13.68 15.59
CA ASP A 204 4.42 -13.88 14.19
C ASP A 204 2.91 -13.89 14.01
N ALA A 205 2.46 -14.03 12.76
CA ALA A 205 1.05 -13.85 12.46
C ALA A 205 0.17 -14.89 13.15
N VAL A 206 0.64 -16.14 13.20
CA VAL A 206 -0.19 -17.21 13.75
C VAL A 206 -0.38 -17.04 15.25
N ARG A 207 0.69 -16.67 15.96
CA ARG A 207 0.56 -16.45 17.40
C ARG A 207 -0.21 -15.16 17.70
N ARG A 208 -0.09 -14.15 16.83
CA ARG A 208 -0.97 -12.99 16.94
C ARG A 208 -2.43 -13.41 16.83
N ALA A 209 -2.74 -14.31 15.90
CA ALA A 209 -4.11 -14.79 15.75
C ALA A 209 -4.56 -15.58 16.98
N ALA A 210 -3.65 -16.38 17.55
CA ALA A 210 -3.99 -17.11 18.77
C ALA A 210 -4.29 -16.16 19.93
N LEU A 211 -3.50 -15.10 20.07
CA LEU A 211 -3.76 -14.11 21.11
C LEU A 211 -5.07 -13.37 20.84
N ILE A 212 -5.38 -13.12 19.57
CA ILE A 212 -6.66 -12.50 19.22
C ILE A 212 -7.82 -13.41 19.61
N ASN A 213 -7.67 -14.71 19.38
CA ASN A 213 -8.69 -15.67 19.81
C ASN A 213 -8.86 -15.63 21.33
N MET A 214 -7.75 -15.60 22.06
CA MET A 214 -7.84 -15.53 23.52
C MET A 214 -8.55 -14.25 23.97
N VAL A 215 -8.26 -13.13 23.32
CA VAL A 215 -8.92 -11.87 23.67
C VAL A 215 -10.41 -11.95 23.35
N PHE A 216 -10.76 -12.59 22.24
CA PHE A 216 -12.16 -12.76 21.90
C PHE A 216 -12.89 -13.63 22.91
N GLN A 217 -12.18 -14.58 23.53
CA GLN A 217 -12.84 -15.50 24.45
C GLN A 217 -13.07 -14.87 25.82
N MET A 218 -12.06 -14.19 26.37
CA MET A 218 -12.10 -13.71 27.73
C MET A 218 -12.04 -12.20 27.87
N GLY A 219 -11.48 -11.49 26.89
CA GLY A 219 -11.32 -10.05 27.00
C GLY A 219 -9.88 -9.67 27.30
N GLU A 220 -9.55 -8.42 26.98
CA GLU A 220 -8.19 -7.93 27.14
C GLU A 220 -7.76 -7.96 28.61
N THR A 221 -8.68 -7.62 29.51
CA THR A 221 -8.35 -7.60 30.93
C THR A 221 -8.11 -9.02 31.45
N GLY A 222 -8.85 -9.99 30.95
CA GLY A 222 -8.63 -11.37 31.37
C GLY A 222 -7.39 -11.98 30.77
N VAL A 223 -7.12 -11.68 29.49
CA VAL A 223 -5.89 -12.16 28.86
C VAL A 223 -4.67 -11.54 29.53
N ALA A 224 -4.79 -10.31 30.03
CA ALA A 224 -3.68 -9.66 30.72
C ALA A 224 -3.32 -10.36 32.03
N GLY A 225 -4.18 -11.24 32.53
CA GLY A 225 -3.87 -12.01 33.72
C GLY A 225 -2.81 -13.07 33.52
N PHE A 226 -2.65 -13.57 32.30
CA PHE A 226 -1.63 -14.57 32.01
C PHE A 226 -0.26 -13.92 31.90
N THR A 227 0.16 -13.20 32.95
CA THR A 227 1.37 -12.38 32.87
C THR A 227 2.61 -13.25 32.59
N ASN A 228 2.78 -14.32 33.36
CA ASN A 228 3.97 -15.15 33.20
C ASN A 228 3.97 -15.84 31.84
N SER A 229 2.81 -16.35 31.40
CA SER A 229 2.76 -17.01 30.10
C SER A 229 2.95 -16.02 28.96
N LEU A 230 2.41 -14.81 29.10
CA LEU A 230 2.64 -13.79 28.09
C LEU A 230 4.12 -13.42 28.01
N ARG A 231 4.80 -13.35 29.16
CA ARG A 231 6.22 -13.05 29.14
C ARG A 231 7.04 -14.20 28.55
N MET A 232 6.61 -15.44 28.82
CA MET A 232 7.23 -16.59 28.19
C MET A 232 7.09 -16.53 26.67
N LEU A 233 5.89 -16.19 26.19
CA LEU A 233 5.68 -16.06 24.75
C LEU A 233 6.53 -14.93 24.17
N GLN A 234 6.67 -13.83 24.92
CA GLN A 234 7.49 -12.72 24.44
C GLN A 234 8.94 -13.13 24.28
N GLN A 235 9.47 -13.91 25.22
CA GLN A 235 10.84 -14.39 25.16
C GLN A 235 11.01 -15.62 24.27
N LYS A 236 10.02 -15.93 23.43
CA LYS A 236 10.08 -17.03 22.48
C LYS A 236 10.32 -18.37 23.19
N ARG A 237 9.70 -18.54 24.34
CA ARG A 237 9.74 -19.78 25.11
C ARG A 237 8.39 -20.47 24.95
N TRP A 238 8.20 -21.08 23.78
CA TRP A 238 6.89 -21.65 23.43
C TRP A 238 6.60 -22.90 24.24
N ASP A 239 7.60 -23.76 24.42
CA ASP A 239 7.38 -25.04 25.09
C ASP A 239 7.02 -24.85 26.56
N GLU A 240 7.53 -23.79 27.20
CA GLU A 240 7.19 -23.54 28.60
C GLU A 240 5.83 -22.84 28.73
N ALA A 241 5.57 -21.89 27.83
CA ALA A 241 4.27 -21.23 27.82
C ALA A 241 3.15 -22.22 27.56
N ALA A 242 3.41 -23.25 26.74
CA ALA A 242 2.40 -24.28 26.49
C ALA A 242 1.97 -24.95 27.79
N VAL A 243 2.93 -25.38 28.59
CA VAL A 243 2.61 -26.05 29.85
C VAL A 243 1.94 -25.07 30.81
N ASN A 244 2.49 -23.86 30.93
CA ASN A 244 1.94 -22.89 31.87
C ASN A 244 0.51 -22.50 31.50
N LEU A 245 0.17 -22.55 30.20
CA LEU A 245 -1.21 -22.32 29.78
C LEU A 245 -2.07 -23.56 30.00
N ALA A 246 -1.49 -24.76 29.85
CA ALA A 246 -2.22 -25.97 30.16
C ALA A 246 -2.55 -26.09 31.64
N LYS A 247 -1.84 -25.36 32.50
CA LYS A 247 -2.16 -25.36 33.92
C LYS A 247 -3.30 -24.39 34.27
N SER A 248 -3.90 -23.72 33.30
CA SER A 248 -4.82 -22.64 33.60
C SER A 248 -6.23 -23.14 33.86
N ARG A 249 -7.02 -22.29 34.52
CA ARG A 249 -8.44 -22.61 34.72
C ARG A 249 -9.23 -22.46 33.43
N TRP A 250 -8.79 -21.57 32.54
CA TRP A 250 -9.42 -21.46 31.23
C TRP A 250 -9.25 -22.75 30.43
N TYR A 251 -8.10 -23.42 30.58
CA TYR A 251 -7.91 -24.70 29.92
C TYR A 251 -8.82 -25.78 30.51
N ASN A 252 -9.14 -25.69 31.80
CA ASN A 252 -10.00 -26.68 32.41
C ASN A 252 -11.48 -26.39 32.18
N GLN A 253 -11.84 -25.15 31.83
CA GLN A 253 -13.23 -24.84 31.54
C GLN A 253 -13.57 -25.04 30.07
N THR A 254 -12.66 -24.70 29.15
CA THR A 254 -12.85 -24.90 27.72
C THR A 254 -11.61 -25.60 27.18
N PRO A 255 -11.52 -26.93 27.31
CA PRO A 255 -10.28 -27.64 26.98
C PRO A 255 -10.04 -27.82 25.49
N ASN A 256 -11.10 -28.10 24.73
CA ASN A 256 -10.93 -28.40 23.31
C ASN A 256 -10.38 -27.20 22.54
N ARG A 257 -10.89 -26.00 22.82
CA ARG A 257 -10.40 -24.82 22.13
C ARG A 257 -9.04 -24.40 22.66
N ALA A 258 -8.82 -24.55 23.97
CA ALA A 258 -7.53 -24.19 24.56
C ALA A 258 -6.41 -25.05 24.02
N LYS A 259 -6.68 -26.33 23.77
CA LYS A 259 -5.65 -27.20 23.20
C LYS A 259 -5.18 -26.68 21.85
N ARG A 260 -6.12 -26.30 20.98
CA ARG A 260 -5.75 -25.80 19.67
C ARG A 260 -5.00 -24.47 19.77
N VAL A 261 -5.46 -23.58 20.65
CA VAL A 261 -4.78 -22.29 20.79
C VAL A 261 -3.36 -22.49 21.30
N ILE A 262 -3.17 -23.42 22.25
CA ILE A 262 -1.84 -23.67 22.80
C ILE A 262 -0.93 -24.33 21.75
N THR A 263 -1.47 -25.27 20.98
CA THR A 263 -0.68 -25.89 19.91
C THR A 263 -0.27 -24.86 18.87
N THR A 264 -1.16 -23.90 18.57
CA THR A 264 -0.83 -22.83 17.65
C THR A 264 0.27 -21.95 18.21
N PHE A 265 0.15 -21.56 19.48
CA PHE A 265 1.20 -20.78 20.14
C PHE A 265 2.53 -21.52 20.14
N ARG A 266 2.49 -22.85 20.22
CA ARG A 266 3.71 -23.64 20.35
C ARG A 266 4.40 -23.84 19.01
N THR A 267 3.71 -24.49 18.06
CA THR A 267 4.33 -24.80 16.78
C THR A 267 4.50 -23.57 15.91
N GLY A 268 3.61 -22.58 16.05
CA GLY A 268 3.61 -21.45 15.15
C GLY A 268 2.99 -21.72 13.80
N THR A 269 2.27 -22.83 13.65
CA THR A 269 1.63 -23.20 12.40
C THR A 269 0.13 -23.37 12.63
N TRP A 270 -0.62 -23.33 11.52
CA TRP A 270 -2.05 -23.59 11.57
C TRP A 270 -2.38 -25.08 11.54
N ASP A 271 -1.39 -25.95 11.77
CA ASP A 271 -1.63 -27.39 11.72
C ASP A 271 -2.64 -27.85 12.77
N ALA A 272 -2.82 -27.09 13.85
CA ALA A 272 -3.76 -27.50 14.88
C ALA A 272 -5.19 -27.49 14.36
N TYR A 273 -5.52 -26.51 13.50
CA TYR A 273 -6.88 -26.39 12.99
C TYR A 273 -7.01 -27.09 11.64
N LYS A 274 -7.75 -26.46 10.73
CA LYS A 274 -7.98 -27.03 9.40
C LYS A 274 -7.58 -26.10 8.26
N ILE A 275 -7.48 -24.80 8.51
CA ILE A 275 -7.07 -23.86 7.47
C ILE A 275 -6.17 -22.79 8.07
N MET A 283 0.44 -14.95 -5.85
CA MET A 283 -0.03 -14.03 -6.89
C MET A 283 0.97 -13.97 -8.05
N SER A 284 1.86 -14.95 -8.10
CA SER A 284 2.87 -15.08 -9.16
C SER A 284 3.83 -13.90 -9.17
N ALA A 285 4.85 -13.98 -10.03
CA ALA A 285 5.85 -12.93 -10.12
C ALA A 285 5.98 -12.41 -11.54
N ALA A 287 3.63 -12.57 -13.54
CA ALA A 287 2.30 -12.02 -13.80
C ALA A 287 2.26 -10.53 -13.52
N GLN A 288 2.94 -10.11 -12.44
CA GLN A 288 3.00 -8.69 -12.12
C GLN A 288 3.69 -7.91 -13.23
N LEU A 289 4.76 -8.47 -13.79
CA LEU A 289 5.44 -7.81 -14.91
C LEU A 289 4.50 -7.65 -16.10
N VAL A 290 3.75 -8.70 -16.43
CA VAL A 290 2.84 -8.62 -17.58
C VAL A 290 1.70 -7.65 -17.31
N ILE A 291 1.21 -7.62 -16.06
CA ILE A 291 0.13 -6.69 -15.74
C ILE A 291 0.61 -5.24 -15.84
N ALA A 292 1.78 -4.95 -15.28
CA ALA A 292 2.33 -3.60 -15.41
C ALA A 292 2.62 -3.25 -16.87
N PHE A 293 3.08 -4.24 -17.64
CA PHE A 293 3.31 -4.04 -19.07
C PHE A 293 2.01 -3.67 -19.79
N ILE A 294 0.91 -4.35 -19.44
CA ILE A 294 -0.38 -4.04 -20.05
C ILE A 294 -0.86 -2.65 -19.65
N LEU A 295 -0.69 -2.30 -18.37
CA LEU A 295 -1.13 -0.99 -17.91
C LEU A 295 -0.30 0.13 -18.55
N ILE A 296 0.96 -0.13 -18.86
CA ILE A 296 1.77 0.86 -19.56
C ILE A 296 1.43 0.91 -21.04
N CYS A 297 1.10 -0.25 -21.63
CA CYS A 297 0.72 -0.29 -23.03
C CYS A 297 -0.60 0.42 -23.29
N ILE A 298 -1.50 0.44 -22.30
CA ILE A 298 -2.73 1.20 -22.43
C ILE A 298 -2.41 2.69 -22.60
N GLN A 299 -1.54 3.21 -21.74
CA GLN A 299 -1.13 4.61 -21.85
C GLN A 299 -0.39 4.88 -23.16
N LEU A 300 0.44 3.93 -23.59
CA LEU A 300 1.15 4.09 -24.85
C LEU A 300 0.19 4.10 -26.03
N GLY A 301 -0.86 3.29 -25.96
CA GLY A 301 -1.88 3.32 -27.00
C GLY A 301 -2.66 4.62 -27.02
N ILE A 302 -2.94 5.17 -25.84
CA ILE A 302 -3.55 6.49 -25.77
C ILE A 302 -2.65 7.53 -26.44
N ILE A 303 -1.35 7.46 -26.15
CA ILE A 303 -0.41 8.42 -26.72
C ILE A 303 -0.34 8.28 -28.23
N VAL A 304 -0.33 7.04 -28.73
CA VAL A 304 -0.26 6.83 -30.18
C VAL A 304 -1.56 7.28 -30.86
N ALA A 305 -2.70 7.04 -30.21
CA ALA A 305 -3.97 7.50 -30.76
C ALA A 305 -4.00 9.02 -30.83
N LEU A 306 -3.45 9.71 -29.84
CA LEU A 306 -3.39 11.16 -29.91
C LEU A 306 -2.35 11.64 -30.92
N PHE A 307 -1.28 10.87 -31.12
CA PHE A 307 -0.36 11.16 -32.22
C PHE A 307 -1.09 11.13 -33.55
N ILE A 308 -1.94 10.12 -33.75
CA ILE A 308 -2.65 9.98 -35.01
C ILE A 308 -3.71 11.07 -35.16
N MET A 309 -4.48 11.33 -34.10
CA MET A 309 -5.50 12.35 -34.15
C MET A 309 -4.90 13.74 -34.30
N GLU A 310 -3.95 14.09 -33.43
CA GLU A 310 -3.33 15.41 -33.41
C GLU A 310 -1.82 15.23 -33.58
N PRO A 311 -1.32 15.27 -34.82
CA PRO A 311 0.10 15.01 -35.05
C PRO A 311 0.97 16.07 -34.40
N PRO A 312 2.07 15.68 -33.77
CA PRO A 312 2.98 16.66 -33.17
C PRO A 312 3.59 17.57 -34.23
N ASP A 313 3.78 18.83 -33.87
CA ASP A 313 4.32 19.82 -34.78
C ASP A 313 4.78 21.03 -33.98
N ILE A 314 5.87 21.64 -34.43
CA ILE A 314 6.34 22.88 -33.84
C ILE A 314 5.37 23.99 -34.20
N MET A 315 4.87 24.69 -33.18
CA MET A 315 3.91 25.78 -33.39
C MET A 315 4.56 26.87 -34.22
N HIS A 316 5.34 27.74 -33.57
CA HIS A 316 6.14 28.75 -34.26
C HIS A 316 5.35 29.56 -35.29
N GLU A 323 14.33 30.19 -29.46
CA GLU A 323 13.72 29.86 -28.19
C GLU A 323 14.29 28.57 -27.61
N VAL A 324 14.74 28.63 -26.36
CA VAL A 324 15.26 27.45 -25.69
C VAL A 324 14.17 26.41 -25.48
N TYR A 325 12.91 26.83 -25.45
CA TYR A 325 11.77 25.92 -25.36
C TYR A 325 11.37 25.49 -26.76
N LEU A 326 11.40 24.18 -27.00
CA LEU A 326 10.87 23.63 -28.24
C LEU A 326 9.34 23.63 -28.12
N ILE A 327 8.72 24.72 -28.57
CA ILE A 327 7.27 24.80 -28.51
C ILE A 327 6.68 23.85 -29.53
N CYS A 328 5.67 23.10 -29.12
CA CYS A 328 4.97 22.16 -29.99
C CYS A 328 3.49 22.49 -29.99
N ASN A 329 2.76 21.81 -30.87
CA ASN A 329 1.33 22.03 -31.03
C ASN A 329 0.50 21.30 -29.98
N THR A 330 1.12 20.86 -28.88
CA THR A 330 0.42 20.10 -27.85
C THR A 330 -0.71 20.91 -27.24
N THR A 331 -1.95 20.54 -27.56
CA THR A 331 -3.12 21.23 -27.01
C THR A 331 -3.40 20.77 -25.58
N ASN A 332 -4.64 20.93 -25.14
CA ASN A 332 -4.99 20.55 -23.77
C ASN A 332 -5.48 19.10 -23.68
N LEU A 333 -6.16 18.60 -24.71
CA LEU A 333 -6.63 17.21 -24.68
C LEU A 333 -5.45 16.24 -24.63
N GLY A 334 -4.40 16.50 -25.42
CA GLY A 334 -3.20 15.70 -25.42
C GLY A 334 -2.48 15.68 -24.08
N VAL A 335 -2.82 16.61 -23.18
CA VAL A 335 -2.39 16.56 -21.81
C VAL A 335 -3.46 15.97 -20.90
N VAL A 336 -4.74 16.25 -21.19
CA VAL A 336 -5.82 15.85 -20.28
C VAL A 336 -5.96 14.34 -20.24
N ALA A 337 -5.95 13.69 -21.41
CA ALA A 337 -6.17 12.25 -21.45
C ALA A 337 -5.07 11.46 -20.73
N PRO A 338 -3.78 11.64 -21.02
CA PRO A 338 -2.77 10.94 -20.23
C PRO A 338 -2.79 11.33 -18.77
N LEU A 339 -3.04 12.61 -18.47
CA LEU A 339 -3.19 13.04 -17.08
C LEU A 339 -4.35 12.31 -16.42
N GLY A 340 -5.45 12.12 -17.16
CA GLY A 340 -6.59 11.41 -16.58
C GLY A 340 -6.29 9.97 -16.28
N TYR A 341 -5.64 9.27 -17.22
CA TYR A 341 -5.30 7.87 -16.97
C TYR A 341 -4.31 7.74 -15.82
N ASN A 342 -3.31 8.63 -15.77
CA ASN A 342 -2.35 8.60 -14.67
C ASN A 342 -3.02 8.93 -13.35
N GLY A 343 -4.02 9.81 -13.35
CA GLY A 343 -4.73 10.12 -12.11
C GLY A 343 -5.59 8.96 -11.64
N LEU A 344 -6.18 8.21 -12.57
CA LEU A 344 -6.89 7.00 -12.18
C LEU A 344 -5.92 5.98 -11.58
N LEU A 345 -4.74 5.83 -12.19
CA LEU A 345 -3.70 4.98 -11.61
C LEU A 345 -3.35 5.44 -10.20
N ILE A 346 -3.20 6.75 -10.00
CA ILE A 346 -2.85 7.29 -8.70
C ILE A 346 -3.96 7.02 -7.69
N LEU A 347 -5.22 7.15 -8.11
CA LEU A 347 -6.34 6.91 -7.21
C LEU A 347 -6.38 5.45 -6.76
N ALA A 348 -6.22 4.52 -7.70
CA ALA A 348 -6.18 3.10 -7.32
C ALA A 348 -4.99 2.81 -6.42
N CYS A 349 -3.82 3.38 -6.74
CA CYS A 349 -2.65 3.24 -5.88
C CYS A 349 -2.95 3.71 -4.47
N THR A 350 -3.56 4.88 -4.34
CA THR A 350 -3.84 5.45 -3.02
C THR A 350 -4.83 4.58 -2.26
N PHE A 351 -5.86 4.08 -2.94
CA PHE A 351 -6.82 3.20 -2.30
C PHE A 351 -6.14 1.96 -1.73
N TYR A 352 -5.39 1.24 -2.58
CA TYR A 352 -4.77 0.00 -2.13
C TYR A 352 -3.63 0.23 -1.14
N ALA A 353 -3.03 1.42 -1.14
CA ALA A 353 -1.96 1.69 -0.18
C ALA A 353 -2.52 2.19 1.15
N PHE A 354 -3.70 2.80 1.14
CA PHE A 354 -4.37 3.17 2.38
C PHE A 354 -4.98 1.96 3.06
N LYS A 355 -5.52 1.02 2.27
CA LYS A 355 -6.02 -0.21 2.87
C LYS A 355 -4.92 -1.05 3.48
N THR A 356 -3.65 -0.79 3.13
CA THR A 356 -2.52 -1.53 3.66
C THR A 356 -1.55 -0.63 4.42
N ARG A 357 -2.03 0.50 4.95
CA ARG A 357 -1.13 1.52 5.48
C ARG A 357 -0.36 1.04 6.70
N ASN A 358 -0.92 0.09 7.45
CA ASN A 358 -0.32 -0.36 8.70
C ASN A 358 0.44 -1.68 8.56
N VAL A 359 0.60 -2.19 7.34
CA VAL A 359 1.30 -3.45 7.14
C VAL A 359 2.79 -3.26 7.45
N PRO A 360 3.38 -4.10 8.31
CA PRO A 360 4.79 -3.93 8.67
C PRO A 360 5.79 -4.65 7.79
N ALA A 361 5.36 -5.22 6.65
CA ALA A 361 6.27 -5.99 5.83
C ALA A 361 7.26 -5.09 5.11
N ASN A 362 8.43 -5.68 4.79
CA ASN A 362 9.55 -4.96 4.16
C ASN A 362 9.95 -3.73 4.97
N PHE A 363 10.07 -3.91 6.30
CA PHE A 363 10.41 -2.82 7.21
C PHE A 363 9.41 -1.67 7.10
N ASN A 364 8.12 -2.04 7.09
CA ASN A 364 7.01 -1.10 6.94
C ASN A 364 7.15 -0.27 5.66
N GLU A 365 7.15 -1.00 4.53
CA GLU A 365 7.25 -0.34 3.23
C GLU A 365 5.98 0.39 2.86
N ALA A 366 4.82 -0.17 3.23
CA ALA A 366 3.54 0.42 2.88
C ALA A 366 3.32 1.79 3.52
N LYS A 367 3.97 2.07 4.65
CA LYS A 367 3.88 3.40 5.25
C LYS A 367 4.43 4.46 4.30
N TYR A 368 5.67 4.26 3.82
CA TYR A 368 6.26 5.20 2.88
C TYR A 368 5.50 5.22 1.57
N ILE A 369 5.00 4.06 1.13
CA ILE A 369 4.20 4.02 -0.10
C ILE A 369 2.96 4.91 0.05
N ALA A 370 2.27 4.79 1.19
CA ALA A 370 1.05 5.56 1.40
C ALA A 370 1.33 7.04 1.51
N PHE A 371 2.42 7.42 2.20
CA PHE A 371 2.76 8.84 2.28
C PHE A 371 3.10 9.40 0.91
N THR A 372 3.83 8.63 0.10
CA THR A 372 4.14 9.06 -1.26
C THR A 372 2.87 9.23 -2.08
N MET A 373 1.90 8.32 -1.92
CA MET A 373 0.67 8.42 -2.68
C MET A 373 -0.16 9.64 -2.26
N TYR A 374 -0.20 9.92 -0.94
CA TYR A 374 -0.86 11.13 -0.47
C TYR A 374 -0.24 12.37 -1.11
N THR A 375 1.08 12.48 -1.05
CA THR A 375 1.75 13.65 -1.61
C THR A 375 1.53 13.75 -3.11
N THR A 376 1.48 12.62 -3.81
CA THR A 376 1.24 12.64 -5.25
C THR A 376 -0.18 13.14 -5.55
N CYS A 377 -1.17 12.66 -4.81
CA CYS A 377 -2.54 13.14 -5.00
C CYS A 377 -2.61 14.65 -4.79
N ILE A 378 -2.00 15.14 -3.71
CA ILE A 378 -2.04 16.58 -3.43
C ILE A 378 -1.35 17.35 -4.55
N ILE A 379 -0.18 16.86 -5.00
CA ILE A 379 0.60 17.58 -6.00
C ILE A 379 -0.15 17.63 -7.33
N TRP A 380 -0.89 16.58 -7.66
CA TRP A 380 -1.63 16.59 -8.92
C TRP A 380 -2.87 17.46 -8.84
N LEU A 381 -3.62 17.38 -7.73
CA LEU A 381 -4.74 18.27 -7.52
C LEU A 381 -4.31 19.73 -7.58
N ALA A 382 -3.07 20.03 -7.16
CA ALA A 382 -2.55 21.38 -7.32
C ALA A 382 -2.03 21.64 -8.73
N PHE A 383 -1.57 20.60 -9.42
CA PHE A 383 -1.03 20.76 -10.76
C PHE A 383 -2.10 21.19 -11.74
N VAL A 384 -3.32 20.68 -11.57
CA VAL A 384 -4.39 21.00 -12.52
C VAL A 384 -4.57 22.52 -12.64
N PRO A 385 -4.97 23.24 -11.58
CA PRO A 385 -5.24 24.67 -11.77
C PRO A 385 -3.98 25.50 -11.97
N ILE A 386 -2.84 25.05 -11.44
CA ILE A 386 -1.59 25.77 -11.65
C ILE A 386 -1.17 25.72 -13.11
N TYR A 387 -1.13 24.51 -13.68
CA TYR A 387 -0.69 24.37 -15.07
C TYR A 387 -1.69 24.97 -16.04
N PHE A 388 -2.99 24.69 -15.85
CA PHE A 388 -3.96 25.16 -16.84
C PHE A 388 -4.21 26.65 -16.75
N GLY A 389 -3.87 27.29 -15.63
CA GLY A 389 -4.03 28.72 -15.51
C GLY A 389 -2.72 29.46 -15.59
N SER A 390 -1.74 28.85 -16.26
CA SER A 390 -0.38 29.39 -16.36
C SER A 390 -0.10 29.89 -17.76
N ASN A 391 0.79 30.88 -17.84
CA ASN A 391 1.27 31.39 -19.12
C ASN A 391 2.69 30.94 -19.43
N TYR A 392 3.28 30.09 -18.58
CA TYR A 392 4.61 29.53 -18.80
C TYR A 392 4.50 28.02 -18.62
N LYS A 393 3.87 27.35 -19.60
CA LYS A 393 3.43 25.98 -19.39
C LYS A 393 4.57 24.98 -19.45
N ILE A 394 5.58 25.23 -20.29
CA ILE A 394 6.66 24.26 -20.47
C ILE A 394 7.47 24.13 -19.19
N ILE A 395 7.87 25.26 -18.59
CA ILE A 395 8.67 25.21 -17.38
C ILE A 395 7.87 24.63 -16.22
N THR A 396 6.57 24.93 -16.16
CA THR A 396 5.74 24.37 -15.10
C THR A 396 5.61 22.86 -15.25
N MET A 397 5.47 22.38 -16.50
CA MET A 397 5.44 20.94 -16.73
C MET A 397 6.76 20.28 -16.34
N CYS A 398 7.88 20.91 -16.72
CA CYS A 398 9.19 20.42 -16.30
C CYS A 398 9.25 20.26 -14.78
N PHE A 399 8.97 21.35 -14.07
CA PHE A 399 9.09 21.34 -12.61
C PHE A 399 8.13 20.36 -11.98
N SER A 400 6.92 20.22 -12.54
CA SER A 400 5.93 19.33 -11.93
C SER A 400 6.31 17.86 -12.11
N VAL A 401 6.73 17.48 -13.32
CA VAL A 401 7.17 16.11 -13.54
C VAL A 401 8.40 15.79 -12.69
N SER A 402 9.35 16.74 -12.63
CA SER A 402 10.52 16.53 -11.80
C SER A 402 10.15 16.40 -10.33
N LEU A 403 9.17 17.19 -9.88
CA LEU A 403 8.75 17.14 -8.48
C LEU A 403 8.07 15.81 -8.15
N SER A 404 7.24 15.30 -9.06
CA SER A 404 6.61 14.01 -8.82
C SER A 404 7.64 12.89 -8.77
N ALA A 405 8.57 12.88 -9.74
CA ALA A 405 9.64 11.89 -9.70
C ALA A 405 10.46 12.02 -8.43
N THR A 406 10.68 13.25 -7.97
CA THR A 406 11.50 13.49 -6.78
C THR A 406 10.80 12.98 -5.52
N VAL A 407 9.51 13.28 -5.38
CA VAL A 407 8.80 12.81 -4.19
C VAL A 407 8.74 11.29 -4.18
N ALA A 408 8.55 10.67 -5.35
CA ALA A 408 8.58 9.21 -5.41
C ALA A 408 9.94 8.67 -4.95
N LEU A 409 11.01 9.14 -5.60
CA LEU A 409 12.36 8.63 -5.32
C LEU A 409 12.78 8.89 -3.87
N GLY A 410 12.33 10.00 -3.30
CA GLY A 410 12.76 10.38 -1.96
C GLY A 410 11.96 9.72 -0.86
N CYS A 411 10.65 9.54 -1.07
CA CYS A 411 9.83 8.92 -0.05
C CYS A 411 9.88 7.40 -0.09
N MET A 412 10.19 6.80 -1.23
CA MET A 412 10.18 5.35 -1.34
C MET A 412 11.55 4.71 -1.37
N PHE A 413 12.52 5.29 -2.09
CA PHE A 413 13.79 4.63 -2.31
C PHE A 413 14.92 5.17 -1.43
N VAL A 414 14.86 6.44 -1.04
CA VAL A 414 15.91 6.99 -0.17
C VAL A 414 15.99 6.27 1.17
N PRO A 415 14.88 5.96 1.86
CA PRO A 415 15.02 5.19 3.11
C PRO A 415 15.69 3.84 2.93
N LYS A 416 15.39 3.13 1.84
CA LYS A 416 16.01 1.82 1.62
C LYS A 416 17.51 1.96 1.42
N VAL A 417 17.93 2.91 0.58
CA VAL A 417 19.36 3.13 0.38
C VAL A 417 20.03 3.56 1.68
N TYR A 418 19.31 4.30 2.52
CA TYR A 418 19.86 4.67 3.83
C TYR A 418 20.04 3.45 4.71
N ILE A 419 19.06 2.55 4.71
CA ILE A 419 19.20 1.32 5.49
C ILE A 419 20.36 0.48 4.99
N ILE A 420 20.57 0.45 3.67
CA ILE A 420 21.59 -0.41 3.10
C ILE A 420 22.98 0.16 3.36
N LEU A 421 23.20 1.43 3.02
CA LEU A 421 24.52 2.04 3.07
C LEU A 421 24.82 2.70 4.41
N ALA A 422 23.95 2.56 5.40
CA ALA A 422 24.25 3.11 6.73
C ALA A 422 23.91 2.18 7.88
N LYS A 423 22.93 1.30 7.75
CA LYS A 423 22.57 0.34 8.79
C LYS A 423 22.68 -1.08 8.23
N PRO A 424 23.90 -1.57 7.98
CA PRO A 424 24.03 -2.93 7.43
C PRO A 424 23.63 -4.02 8.41
N GLU A 425 23.54 -3.71 9.70
N GLU A 425 23.53 -3.70 9.70
CA GLU A 425 23.13 -4.74 10.67
CA GLU A 425 23.16 -4.69 10.70
C GLU A 425 21.62 -4.89 10.77
C GLU A 425 21.64 -4.85 10.82
N ARG A 426 20.87 -3.85 10.42
CA ARG A 426 19.41 -3.96 10.42
C ARG A 426 18.88 -4.63 9.16
N ASN A 427 19.75 -4.91 8.19
CA ASN A 427 19.35 -5.55 6.93
C ASN A 427 19.25 -7.07 7.12
N VAL A 428 18.37 -7.47 8.04
CA VAL A 428 18.16 -8.87 8.37
C VAL A 428 16.66 -9.13 8.43
N ARG A 429 16.27 -10.32 7.97
CA ARG A 429 14.86 -10.70 7.97
C ARG A 429 14.32 -10.87 9.38
#